data_2IJA
#
_entry.id   2IJA
#
_cell.length_a   90.549
_cell.length_b   37.558
_cell.length_c   88.478
_cell.angle_alpha   90.00
_cell.angle_beta   102.70
_cell.angle_gamma   90.00
#
_symmetry.space_group_name_H-M   'C 1 2 1'
#
loop_
_entity.id
_entity.type
_entity.pdbx_description
1 polymer 'Arylamine N-acetyltransferase 1'
2 non-polymer 'SODIUM ION'
3 non-polymer ACETAMIDE
4 non-polymer 'UNKNOWN ATOM OR ION'
5 water water
#
_entity_poly.entity_id   1
_entity_poly.type   'polypeptide(L)'
_entity_poly.pdbx_seq_one_letter_code
;GSGSGSDIEAYLERIGYKKSRNKLDLETLTDILQHQIRAVPFENLNIHCGDA(MSE)DLGLEAIFDQVVRRNRGGWCLQV
NHLLYWALTTIGFETT(MSE)LGGYVYSTPAKKYSTG(MSE)IHLLLQVTIDGRNYIVDAGSGRSYQ(MSE)WQPLELIS
GKDQPQVPCVFRLTEENGFWYLDQIRREQYIPNEEFLHSDLLEDSKYRKIYSFTLKPRTIEDFES(MSE)NTYLQTSPSS
VFTSKSFCSLQTPDGVHCLVGFTLTHRRFNYKDNTDLIEFKTLSEEEIEKVLKNIFNISLQRKLVPKHGDRFFTI
;
_entity_poly.pdbx_strand_id   A
#
loop_
_chem_comp.id
_chem_comp.type
_chem_comp.name
_chem_comp.formula
ACM non-polymer ACETAMIDE 'C2 H5 N O'
NA non-polymer 'SODIUM ION' 'Na 1'
UNX non-polymer 'UNKNOWN ATOM OR ION' ?
#
# COMPACT_ATOMS: atom_id res chain seq x y z
N SER A 4 28.52 -1.15 7.14
CA SER A 4 28.78 0.33 7.19
C SER A 4 28.11 0.98 8.39
N GLY A 5 26.91 0.50 8.72
CA GLY A 5 26.10 1.11 9.74
C GLY A 5 25.24 2.26 9.22
N SER A 6 25.26 2.49 7.91
CA SER A 6 24.51 3.62 7.32
C SER A 6 22.98 3.41 7.37
N ASP A 7 22.25 4.51 7.31
CA ASP A 7 20.80 4.42 7.39
C ASP A 7 20.24 3.68 6.16
N ILE A 8 20.82 3.95 4.99
CA ILE A 8 20.36 3.26 3.75
C ILE A 8 20.58 1.75 3.87
N GLU A 9 21.72 1.35 4.46
CA GLU A 9 21.96 -0.07 4.64
CA GLU A 9 22.04 -0.08 4.73
C GLU A 9 21.00 -0.69 5.66
N ALA A 10 20.66 0.05 6.71
CA ALA A 10 19.66 -0.38 7.69
C ALA A 10 18.28 -0.59 6.99
N TYR A 11 17.90 0.32 6.11
CA TYR A 11 16.62 0.24 5.37
C TYR A 11 16.64 -1.01 4.46
N LEU A 12 17.76 -1.22 3.77
CA LEU A 12 17.84 -2.36 2.85
C LEU A 12 17.81 -3.68 3.61
N GLU A 13 18.44 -3.72 4.78
CA GLU A 13 18.38 -4.88 5.67
C GLU A 13 16.93 -5.14 6.08
N ARG A 14 16.22 -4.07 6.45
CA ARG A 14 14.81 -4.17 6.85
C ARG A 14 13.93 -4.83 5.79
N ILE A 15 14.20 -4.51 4.52
CA ILE A 15 13.42 -5.04 3.43
C ILE A 15 14.02 -6.31 2.82
N GLY A 16 15.09 -6.83 3.40
CA GLY A 16 15.74 -8.05 2.93
C GLY A 16 16.43 -7.92 1.59
N TYR A 17 16.82 -6.69 1.21
CA TYR A 17 17.45 -6.45 -0.09
C TYR A 17 18.98 -6.59 0.03
N LYS A 18 19.49 -7.69 -0.53
CA LYS A 18 20.90 -8.11 -0.36
C LYS A 18 21.65 -8.05 -1.68
N LYS A 19 21.08 -7.38 -2.67
CA LYS A 19 21.70 -7.27 -3.96
C LYS A 19 22.44 -5.96 -4.17
N SER A 20 22.99 -5.77 -5.35
CA SER A 20 23.70 -4.55 -5.66
C SER A 20 22.70 -3.43 -5.93
N ARG A 21 23.10 -2.21 -5.67
CA ARG A 21 22.26 -1.08 -6.00
C ARG A 21 23.03 -0.04 -6.84
N ASN A 22 24.03 -0.50 -7.58
CA ASN A 22 24.90 0.42 -8.33
C ASN A 22 24.37 0.75 -9.73
N LYS A 23 23.36 0.02 -10.20
CA LYS A 23 22.75 0.31 -11.49
C LYS A 23 21.40 0.96 -11.24
N LEU A 24 21.25 2.21 -11.67
CA LEU A 24 19.97 2.92 -11.37
C LEU A 24 19.02 2.72 -12.55
N ASP A 25 18.56 1.48 -12.69
CA ASP A 25 17.77 1.03 -13.84
C ASP A 25 16.40 0.47 -13.39
N LEU A 26 15.53 0.18 -14.36
CA LEU A 26 14.21 -0.33 -14.07
C LEU A 26 14.25 -1.65 -13.25
N GLU A 27 15.20 -2.53 -13.57
CA GLU A 27 15.31 -3.79 -12.85
C GLU A 27 15.53 -3.55 -11.36
N THR A 28 16.47 -2.64 -11.06
CA THR A 28 16.87 -2.36 -9.68
C THR A 28 15.72 -1.67 -8.97
N LEU A 29 15.16 -0.64 -9.61
CA LEU A 29 13.96 0.04 -9.06
C LEU A 29 12.86 -0.98 -8.72
N THR A 30 12.61 -1.92 -9.63
CA THR A 30 11.51 -2.88 -9.48
C THR A 30 11.83 -3.79 -8.31
N ASP A 31 13.07 -4.24 -8.27
CA ASP A 31 13.51 -5.13 -7.20
C ASP A 31 13.34 -4.49 -5.81
N ILE A 32 13.66 -3.19 -5.70
CA ILE A 32 13.53 -2.49 -4.42
C ILE A 32 12.07 -2.35 -4.02
N LEU A 33 11.23 -1.93 -4.98
CA LEU A 33 9.79 -1.83 -4.78
C LEU A 33 9.23 -3.17 -4.27
N GLN A 34 9.58 -4.25 -4.95
CA GLN A 34 9.11 -5.57 -4.57
C GLN A 34 9.56 -5.98 -3.16
N HIS A 35 10.84 -5.75 -2.84
CA HIS A 35 11.33 -6.08 -1.52
C HIS A 35 10.54 -5.26 -0.50
N GLN A 36 10.35 -3.96 -0.74
CA GLN A 36 9.61 -3.16 0.26
C GLN A 36 8.18 -3.65 0.45
N ILE A 37 7.45 -3.90 -0.64
CA ILE A 37 6.05 -4.29 -0.44
C ILE A 37 5.85 -5.69 0.16
N ARG A 38 6.88 -6.53 0.10
CA ARG A 38 6.86 -7.90 0.73
C ARG A 38 7.40 -7.87 2.16
N ALA A 39 7.89 -6.69 2.60
CA ALA A 39 8.47 -6.56 3.93
C ALA A 39 7.75 -5.56 4.85
N VAL A 40 7.33 -4.44 4.27
CA VAL A 40 6.76 -3.31 5.02
C VAL A 40 5.24 -3.25 4.80
N PRO A 41 4.48 -3.67 5.83
CA PRO A 41 3.06 -3.67 5.61
C PRO A 41 2.43 -2.29 5.37
N PHE A 42 1.36 -2.30 4.58
CA PHE A 42 0.40 -1.20 4.53
C PHE A 42 -0.59 -1.40 5.69
N GLU A 43 -0.49 -0.54 6.69
CA GLU A 43 -1.21 -0.69 7.94
C GLU A 43 -1.52 0.65 8.62
N ASN A 44 -2.54 0.62 9.50
CA ASN A 44 -2.92 1.80 10.29
C ASN A 44 -3.14 1.46 11.77
N LEU A 45 -2.49 0.42 12.24
CA LEU A 45 -2.80 -0.16 13.56
C LEU A 45 -2.46 0.82 14.70
N ASN A 46 -1.53 1.76 14.49
CA ASN A 46 -1.31 2.79 15.55
C ASN A 46 -2.60 3.54 15.90
N ILE A 47 -3.40 3.86 14.88
CA ILE A 47 -4.65 4.56 15.15
C ILE A 47 -5.53 3.76 16.14
N HIS A 48 -5.55 2.45 15.99
CA HIS A 48 -6.37 1.53 16.74
C HIS A 48 -5.71 0.98 18.03
N CYS A 49 -4.54 1.52 18.33
CA CYS A 49 -3.84 1.32 19.59
C CYS A 49 -3.78 2.63 20.41
N GLY A 50 -4.45 3.69 19.93
CA GLY A 50 -4.47 4.99 20.58
C GLY A 50 -3.27 5.87 20.30
N ASP A 51 -2.40 5.47 19.36
CA ASP A 51 -1.21 6.23 19.01
C ASP A 51 -1.30 7.00 17.66
N ALA A 52 -0.34 7.90 17.44
CA ALA A 52 -0.32 8.79 16.27
C ALA A 52 0.28 8.12 15.04
N MSE A 53 -0.12 8.62 13.87
CA MSE A 53 0.48 8.33 12.58
C MSE A 53 1.41 9.51 12.30
O MSE A 53 0.96 10.60 11.89
CB MSE A 53 -0.55 8.20 11.45
CG MSE A 53 -1.62 7.15 11.68
SE MSE A 53 -0.94 5.34 11.75
CE MSE A 53 -0.82 5.05 9.79
N ASP A 54 2.69 9.31 12.56
CA ASP A 54 3.68 10.39 12.35
C ASP A 54 4.06 10.57 10.91
N LEU A 55 4.23 11.83 10.51
CA LEU A 55 4.54 12.16 9.11
C LEU A 55 6.03 12.40 8.84
N GLY A 56 6.78 12.70 9.89
CA GLY A 56 8.17 12.99 9.75
C GLY A 56 9.03 11.78 9.48
N LEU A 57 10.07 11.97 8.68
CA LEU A 57 10.91 10.87 8.24
C LEU A 57 11.67 10.21 9.37
N GLU A 58 12.19 10.99 10.34
CA GLU A 58 12.94 10.39 11.42
CA GLU A 58 12.93 10.41 11.47
C GLU A 58 12.04 9.40 12.17
N ALA A 59 10.80 9.79 12.43
CA ALA A 59 9.87 8.91 13.17
C ALA A 59 9.46 7.70 12.34
N ILE A 60 9.22 7.92 11.05
CA ILE A 60 8.83 6.81 10.16
C ILE A 60 9.99 5.81 10.02
N PHE A 61 11.19 6.31 9.78
CA PHE A 61 12.38 5.45 9.67
C PHE A 61 12.52 4.60 10.94
N ASP A 62 12.38 5.23 12.11
CA ASP A 62 12.49 4.47 13.36
C ASP A 62 11.42 3.36 13.41
N GLN A 63 10.16 3.74 13.18
CA GLN A 63 9.08 2.77 13.35
CA GLN A 63 9.05 2.81 13.30
C GLN A 63 9.18 1.64 12.33
N VAL A 64 9.47 1.98 11.07
CA VAL A 64 9.54 0.92 10.02
C VAL A 64 10.84 0.15 10.15
N VAL A 65 11.97 0.86 10.16
CA VAL A 65 13.30 0.24 10.06
C VAL A 65 13.73 -0.43 11.36
N ARG A 66 13.60 0.28 12.48
CA ARG A 66 14.01 -0.25 13.79
CA ARG A 66 14.01 -0.25 13.79
C ARG A 66 12.96 -1.06 14.51
N ARG A 67 11.68 -0.67 14.40
CA ARG A 67 10.61 -1.37 15.12
C ARG A 67 9.81 -2.38 14.28
N ASN A 68 10.25 -2.57 13.02
CA ASN A 68 9.68 -3.54 12.09
C ASN A 68 8.16 -3.36 11.84
N ARG A 69 7.72 -2.11 11.84
CA ARG A 69 6.32 -1.79 11.57
C ARG A 69 6.16 -1.46 10.07
N GLY A 70 4.90 -1.25 9.65
CA GLY A 70 4.59 -0.61 8.37
C GLY A 70 3.91 0.71 8.62
N GLY A 71 3.09 1.16 7.68
CA GLY A 71 2.36 2.40 7.82
C GLY A 71 1.43 2.58 6.66
N TRP A 72 0.77 3.72 6.64
CA TRP A 72 -0.14 4.05 5.55
C TRP A 72 0.69 4.77 4.45
N CYS A 73 0.03 5.22 3.38
CA CYS A 73 0.77 5.65 2.20
C CYS A 73 1.69 6.83 2.50
N LEU A 74 1.20 7.74 3.34
CA LEU A 74 1.97 8.96 3.70
C LEU A 74 3.29 8.60 4.41
N GLN A 75 3.34 7.39 4.99
CA GLN A 75 4.53 6.93 5.72
C GLN A 75 5.39 6.06 4.76
N VAL A 76 4.82 4.98 4.27
CA VAL A 76 5.62 4.00 3.50
C VAL A 76 6.16 4.55 2.16
N ASN A 77 5.45 5.47 1.56
CA ASN A 77 5.95 6.13 0.36
C ASN A 77 6.91 7.30 0.65
N HIS A 78 6.81 7.88 1.86
CA HIS A 78 7.78 8.89 2.30
C HIS A 78 9.13 8.20 2.50
N LEU A 79 9.10 7.05 3.16
CA LEU A 79 10.31 6.24 3.37
C LEU A 79 10.86 5.76 2.02
N LEU A 80 10.00 5.21 1.18
CA LEU A 80 10.45 4.70 -0.13
C LEU A 80 11.06 5.85 -0.94
N TYR A 81 10.39 7.01 -0.94
CA TYR A 81 10.97 8.22 -1.59
C TYR A 81 12.39 8.50 -1.08
N TRP A 82 12.57 8.54 0.24
CA TRP A 82 13.88 8.85 0.82
C TRP A 82 14.88 7.78 0.32
N ALA A 83 14.49 6.51 0.37
CA ALA A 83 15.45 5.42 0.06
C ALA A 83 15.88 5.49 -1.40
N LEU A 84 14.91 5.62 -2.29
CA LEU A 84 15.19 5.67 -3.72
C LEU A 84 16.07 6.88 -4.08
N THR A 85 15.78 8.03 -3.48
CA THR A 85 16.52 9.25 -3.72
C THR A 85 17.96 9.12 -3.25
N THR A 86 18.10 8.57 -2.05
CA THR A 86 19.42 8.30 -1.47
C THR A 86 20.28 7.37 -2.32
N ILE A 87 19.64 6.32 -2.85
CA ILE A 87 20.29 5.37 -3.78
C ILE A 87 20.71 6.00 -5.09
N GLY A 88 19.99 7.04 -5.51
CA GLY A 88 20.40 7.89 -6.61
C GLY A 88 19.36 8.06 -7.74
N PHE A 89 18.15 7.56 -7.53
CA PHE A 89 17.09 7.67 -8.52
C PHE A 89 16.53 9.09 -8.58
N GLU A 90 16.06 9.49 -9.76
CA GLU A 90 15.44 10.80 -9.96
CA GLU A 90 15.45 10.81 -9.93
C GLU A 90 13.97 10.74 -9.58
N THR A 91 13.63 11.31 -8.44
CA THR A 91 12.34 11.07 -7.79
C THR A 91 11.50 12.34 -7.59
N THR A 92 10.19 12.19 -7.62
CA THR A 92 9.26 13.30 -7.34
C THR A 92 8.08 12.78 -6.50
N MSE A 93 7.65 13.56 -5.51
CA MSE A 93 6.45 13.23 -4.77
C MSE A 93 5.22 13.78 -5.48
O MSE A 93 5.24 14.95 -5.89
CB MSE A 93 6.46 13.84 -3.36
CG MSE A 93 7.42 13.23 -2.43
SE MSE A 93 7.18 14.20 -0.69
CE MSE A 93 8.48 13.09 0.31
N LEU A 94 4.19 12.95 -5.57
CA LEU A 94 2.92 13.31 -6.21
C LEU A 94 1.76 13.06 -5.25
N GLY A 95 0.67 13.79 -5.47
CA GLY A 95 -0.50 13.63 -4.66
C GLY A 95 -1.69 13.19 -5.45
N GLY A 96 -2.54 12.39 -4.83
CA GLY A 96 -3.66 11.79 -5.52
C GLY A 96 -4.91 11.65 -4.68
N TYR A 97 -5.96 11.21 -5.35
CA TYR A 97 -7.34 11.21 -4.88
C TYR A 97 -7.88 9.80 -5.06
N VAL A 98 -8.39 9.18 -4.00
CA VAL A 98 -8.74 7.77 -4.04
C VAL A 98 -10.20 7.56 -4.44
N TYR A 99 -10.42 6.60 -5.33
CA TYR A 99 -11.77 6.29 -5.76
C TYR A 99 -12.57 5.52 -4.71
N SER A 100 -13.85 5.91 -4.58
CA SER A 100 -14.79 5.22 -3.71
C SER A 100 -15.96 4.72 -4.52
N THR A 101 -16.20 3.41 -4.47
CA THR A 101 -17.33 2.81 -5.20
C THR A 101 -18.69 3.39 -4.81
N PRO A 102 -19.02 3.40 -3.50
CA PRO A 102 -20.27 4.03 -3.01
C PRO A 102 -20.47 5.50 -3.39
N ALA A 103 -19.39 6.28 -3.37
CA ALA A 103 -19.45 7.69 -3.68
C ALA A 103 -19.54 7.93 -5.19
N LYS A 104 -19.12 6.93 -5.96
CA LYS A 104 -19.03 6.98 -7.43
C LYS A 104 -18.13 8.12 -7.90
N LYS A 105 -17.07 8.39 -7.13
CA LYS A 105 -16.16 9.47 -7.41
C LYS A 105 -14.86 9.33 -6.60
N TYR A 106 -13.89 10.19 -6.93
CA TYR A 106 -12.61 10.26 -6.24
C TYR A 106 -12.75 11.16 -4.99
N SER A 107 -11.90 10.93 -3.99
CA SER A 107 -11.97 11.70 -2.78
C SER A 107 -11.90 13.18 -3.09
N THR A 108 -12.64 13.97 -2.31
CA THR A 108 -12.55 15.43 -2.46
C THR A 108 -11.12 15.92 -2.16
N GLY A 109 -10.49 15.38 -1.12
CA GLY A 109 -9.18 15.78 -0.71
C GLY A 109 -8.06 14.88 -1.24
N MSE A 110 -6.86 15.42 -1.20
CA MSE A 110 -5.66 14.76 -1.66
C MSE A 110 -5.11 13.84 -0.57
O MSE A 110 -4.29 14.25 0.25
CB MSE A 110 -4.62 15.78 -2.12
CG MSE A 110 -3.57 15.24 -3.05
SE MSE A 110 -2.37 16.72 -3.63
CE MSE A 110 -1.48 16.82 -2.01
N ILE A 111 -5.57 12.60 -0.56
CA ILE A 111 -5.26 11.68 0.54
C ILE A 111 -4.17 10.65 0.20
N HIS A 112 -3.69 10.65 -1.04
CA HIS A 112 -2.72 9.64 -1.48
C HIS A 112 -1.40 10.28 -1.87
N LEU A 113 -0.30 9.72 -1.33
CA LEU A 113 1.08 10.09 -1.67
C LEU A 113 1.59 8.97 -2.55
N LEU A 114 2.04 9.31 -3.75
CA LEU A 114 2.74 8.38 -4.61
C LEU A 114 3.98 9.05 -5.19
N LEU A 115 4.79 8.27 -5.90
CA LEU A 115 6.07 8.79 -6.43
C LEU A 115 6.17 8.67 -7.96
N GLN A 116 6.94 9.60 -8.54
CA GLN A 116 7.42 9.50 -9.91
C GLN A 116 8.93 9.22 -9.89
N VAL A 117 9.39 8.29 -10.72
CA VAL A 117 10.81 8.03 -10.96
C VAL A 117 11.06 8.12 -12.45
N THR A 118 12.04 8.93 -12.83
CA THR A 118 12.48 9.06 -14.23
C THR A 118 13.82 8.37 -14.42
N ILE A 119 13.84 7.44 -15.36
CA ILE A 119 15.05 6.69 -15.66
C ILE A 119 15.36 6.82 -17.13
N ASP A 120 16.49 7.49 -17.40
CA ASP A 120 17.09 7.57 -18.75
C ASP A 120 16.02 7.69 -19.86
N GLY A 121 15.17 8.70 -19.75
CA GLY A 121 14.18 8.98 -20.77
C GLY A 121 12.78 8.36 -20.65
N ARG A 122 12.57 7.48 -19.66
CA ARG A 122 11.24 6.96 -19.33
C ARG A 122 10.76 7.44 -17.95
N ASN A 123 9.45 7.64 -17.82
CA ASN A 123 8.84 8.14 -16.57
C ASN A 123 7.93 7.04 -16.03
N TYR A 124 8.03 6.81 -14.72
CA TYR A 124 7.20 5.84 -14.06
C TYR A 124 6.54 6.45 -12.85
N ILE A 125 5.46 5.81 -12.43
CA ILE A 125 5.01 5.94 -11.07
C ILE A 125 5.40 4.72 -10.24
N VAL A 126 5.65 4.97 -8.95
CA VAL A 126 6.01 3.96 -7.96
C VAL A 126 5.21 4.26 -6.68
N ASP A 127 4.60 3.23 -6.13
CA ASP A 127 3.68 3.32 -4.99
C ASP A 127 3.75 2.00 -4.23
N ALA A 128 4.14 2.07 -2.95
CA ALA A 128 4.20 0.90 -2.05
C ALA A 128 3.10 0.97 -0.98
N GLY A 129 2.14 1.87 -1.18
CA GLY A 129 1.16 2.18 -0.16
C GLY A 129 -0.28 2.10 -0.58
N SER A 130 -0.58 1.24 -1.57
CA SER A 130 -1.96 0.88 -1.86
C SER A 130 -2.42 -0.39 -1.16
N GLY A 131 -1.58 -1.42 -1.15
CA GLY A 131 -1.88 -2.64 -0.41
C GLY A 131 -2.99 -3.47 -1.00
N ARG A 132 -3.32 -4.54 -0.30
CA ARG A 132 -4.39 -5.47 -0.69
C ARG A 132 -4.12 -5.91 -2.13
N SER A 133 -5.17 -6.04 -2.94
CA SER A 133 -5.04 -6.42 -4.35
C SER A 133 -5.06 -5.23 -5.31
N TYR A 134 -4.72 -4.04 -4.76
CA TYR A 134 -4.59 -2.76 -5.50
C TYR A 134 -3.12 -2.32 -5.68
N GLN A 135 -2.21 -3.20 -5.26
CA GLN A 135 -0.81 -2.87 -5.10
C GLN A 135 0.04 -3.31 -6.29
N MSE A 136 0.61 -2.33 -7.00
CA MSE A 136 1.47 -2.65 -8.14
C MSE A 136 2.68 -3.45 -7.62
O MSE A 136 3.19 -3.17 -6.52
CB MSE A 136 1.95 -1.38 -8.87
CG MSE A 136 2.86 -0.53 -8.09
SE MSE A 136 3.14 1.20 -9.01
CE MSE A 136 1.36 1.97 -8.75
N TRP A 137 3.11 -4.44 -8.39
CA TRP A 137 4.35 -5.16 -8.12
C TRP A 137 5.54 -4.65 -8.96
N GLN A 138 5.26 -3.80 -9.95
CA GLN A 138 6.30 -3.17 -10.73
C GLN A 138 5.92 -1.71 -11.00
N PRO A 139 6.93 -0.86 -11.21
CA PRO A 139 6.65 0.52 -11.60
C PRO A 139 5.77 0.54 -12.84
N LEU A 140 4.86 1.50 -12.90
CA LEU A 140 3.98 1.70 -14.07
C LEU A 140 4.46 2.88 -14.93
N GLU A 141 4.65 2.62 -16.22
CA GLU A 141 5.14 3.64 -17.08
C GLU A 141 3.99 4.64 -17.39
N LEU A 142 4.35 5.91 -17.44
CA LEU A 142 3.39 6.94 -17.65
C LEU A 142 3.09 7.05 -19.16
N ILE A 143 2.26 6.14 -19.64
CA ILE A 143 1.85 6.05 -21.05
C ILE A 143 0.35 5.83 -21.03
N SER A 144 -0.37 6.83 -21.51
CA SER A 144 -1.82 6.86 -21.42
C SER A 144 -2.43 5.77 -22.27
N GLY A 145 -3.30 4.99 -21.67
CA GLY A 145 -4.11 3.96 -22.33
C GLY A 145 -3.48 2.59 -22.48
N LYS A 146 -2.21 2.46 -22.12
CA LYS A 146 -1.46 1.23 -22.31
C LYS A 146 -1.76 0.22 -21.22
N ASP A 147 -2.08 -1.00 -21.62
CA ASP A 147 -2.20 -2.08 -20.63
C ASP A 147 -0.83 -2.49 -20.12
N GLN A 148 -0.73 -2.65 -18.79
CA GLN A 148 0.54 -3.03 -18.17
C GLN A 148 0.29 -4.23 -17.27
N PRO A 149 0.38 -5.44 -17.83
CA PRO A 149 0.10 -6.67 -17.09
C PRO A 149 1.12 -6.97 -16.02
N GLN A 150 0.65 -7.27 -14.82
CA GLN A 150 1.46 -7.67 -13.68
C GLN A 150 0.81 -8.87 -12.97
N VAL A 151 1.55 -9.47 -12.04
CA VAL A 151 0.97 -10.60 -11.26
C VAL A 151 -0.37 -10.25 -10.61
N PRO A 152 -0.48 -9.09 -9.93
CA PRO A 152 -1.77 -8.84 -9.29
C PRO A 152 -2.96 -8.66 -10.23
N CYS A 153 -2.73 -8.15 -11.42
CA CYS A 153 -3.77 -7.68 -12.33
C CYS A 153 -3.13 -6.98 -13.53
N VAL A 154 -3.96 -6.59 -14.48
CA VAL A 154 -3.52 -5.65 -15.50
C VAL A 154 -3.84 -4.23 -15.00
N PHE A 155 -2.82 -3.39 -14.97
CA PHE A 155 -3.00 -1.99 -14.62
C PHE A 155 -3.11 -1.13 -15.90
N ARG A 156 -3.72 0.04 -15.77
CA ARG A 156 -3.78 0.98 -16.88
C ARG A 156 -3.77 2.39 -16.32
N LEU A 157 -2.88 3.20 -16.86
CA LEU A 157 -2.91 4.62 -16.62
C LEU A 157 -3.50 5.33 -17.81
N THR A 158 -4.41 6.27 -17.55
CA THR A 158 -4.96 7.13 -18.62
C THR A 158 -4.84 8.60 -18.21
N GLU A 159 -4.45 9.45 -19.15
CA GLU A 159 -4.33 10.88 -18.95
C GLU A 159 -5.53 11.56 -19.61
N GLU A 160 -6.10 12.55 -18.92
CA GLU A 160 -7.17 13.40 -19.47
C GLU A 160 -7.09 14.76 -18.76
N ASN A 161 -6.84 15.81 -19.52
CA ASN A 161 -6.92 17.22 -19.04
C ASN A 161 -6.01 17.52 -17.83
N GLY A 162 -4.83 16.92 -17.79
CA GLY A 162 -3.85 17.17 -16.74
C GLY A 162 -3.96 16.26 -15.53
N PHE A 163 -4.94 15.37 -15.56
CA PHE A 163 -5.13 14.32 -14.54
C PHE A 163 -4.81 12.95 -15.11
N TRP A 164 -4.20 12.13 -14.26
CA TRP A 164 -3.88 10.76 -14.54
C TRP A 164 -4.80 9.89 -13.68
N TYR A 165 -5.20 8.75 -14.25
CA TYR A 165 -6.18 7.84 -13.65
C TYR A 165 -5.62 6.44 -13.68
N LEU A 166 -5.40 5.88 -12.50
CA LEU A 166 -4.89 4.49 -12.37
C LEU A 166 -6.09 3.55 -12.16
N ASP A 167 -6.23 2.60 -13.08
CA ASP A 167 -7.31 1.62 -13.07
C ASP A 167 -6.68 0.22 -13.13
N GLN A 168 -7.50 -0.78 -12.87
CA GLN A 168 -7.06 -2.19 -12.96
C GLN A 168 -8.18 -3.04 -13.52
N ILE A 169 -7.77 -4.12 -14.20
CA ILE A 169 -8.64 -5.16 -14.69
C ILE A 169 -8.30 -6.38 -13.83
N ARG A 170 -9.31 -6.76 -13.07
CA ARG A 170 -9.14 -7.76 -12.01
C ARG A 170 -9.54 -9.16 -12.55
N ARG A 171 -9.02 -10.20 -11.89
CA ARG A 171 -9.43 -11.58 -12.20
C ARG A 171 -10.74 -11.95 -11.53
N GLU A 172 -11.35 -13.06 -11.97
CA GLU A 172 -12.42 -13.65 -11.21
C GLU A 172 -11.91 -14.04 -9.83
N GLN A 173 -12.84 -14.10 -8.88
CA GLN A 173 -12.48 -14.42 -7.50
C GLN A 173 -13.17 -15.72 -7.09
N TYR A 174 -12.39 -16.62 -6.52
CA TYR A 174 -12.91 -17.83 -5.89
C TYR A 174 -12.80 -17.65 -4.38
N ILE A 175 -13.95 -17.66 -3.71
CA ILE A 175 -14.07 -17.49 -2.26
C ILE A 175 -14.61 -18.82 -1.70
N PRO A 176 -13.69 -19.70 -1.25
CA PRO A 176 -14.15 -20.98 -0.75
C PRO A 176 -15.04 -20.94 0.49
N ASN A 177 -14.84 -19.95 1.33
CA ASN A 177 -15.68 -19.79 2.51
C ASN A 177 -16.81 -18.84 2.20
N GLU A 178 -17.96 -19.40 1.83
CA GLU A 178 -19.08 -18.59 1.36
C GLU A 178 -19.83 -17.79 2.45
N GLU A 179 -19.46 -18.00 3.71
CA GLU A 179 -19.95 -17.16 4.79
C GLU A 179 -19.53 -15.71 4.61
N PHE A 180 -18.51 -15.50 3.75
CA PHE A 180 -18.00 -14.16 3.43
C PHE A 180 -18.40 -13.59 2.08
N LEU A 181 -19.25 -14.32 1.33
CA LEU A 181 -19.59 -13.87 0.02
C LEU A 181 -20.18 -12.42 0.04
N HIS A 182 -20.93 -12.09 1.10
CA HIS A 182 -21.62 -10.82 1.21
C HIS A 182 -20.84 -9.78 2.00
N SER A 183 -19.55 -10.06 2.23
CA SER A 183 -18.68 -9.17 2.99
C SER A 183 -18.48 -7.82 2.27
N ASP A 184 -18.48 -6.75 3.05
CA ASP A 184 -18.18 -5.40 2.56
C ASP A 184 -16.73 -5.26 2.08
N LEU A 185 -15.92 -6.29 2.35
CA LEU A 185 -14.53 -6.33 1.90
C LEU A 185 -14.33 -6.69 0.43
N LEU A 186 -15.37 -7.23 -0.21
CA LEU A 186 -15.23 -7.76 -1.57
C LEU A 186 -15.61 -6.76 -2.67
N GLU A 187 -14.66 -6.56 -3.61
CA GLU A 187 -14.88 -5.85 -4.87
C GLU A 187 -15.40 -6.91 -5.84
N ASP A 188 -16.62 -6.72 -6.35
CA ASP A 188 -17.23 -7.73 -7.23
C ASP A 188 -16.89 -7.49 -8.71
N SER A 189 -16.62 -6.24 -9.07
CA SER A 189 -16.37 -5.92 -10.47
C SER A 189 -14.94 -6.26 -10.89
N LYS A 190 -14.80 -6.71 -12.13
CA LYS A 190 -13.50 -6.94 -12.72
C LYS A 190 -12.81 -5.62 -13.10
N TYR A 191 -13.53 -4.52 -13.25
CA TYR A 191 -12.93 -3.22 -13.58
CA TYR A 191 -12.89 -3.23 -13.56
C TYR A 191 -13.02 -2.32 -12.36
N ARG A 192 -11.88 -1.81 -11.90
CA ARG A 192 -11.86 -0.98 -10.71
C ARG A 192 -10.93 0.23 -10.92
N LYS A 193 -11.51 1.41 -10.66
CA LYS A 193 -10.78 2.67 -10.55
C LYS A 193 -10.10 2.68 -9.20
N ILE A 194 -8.81 2.96 -9.21
CA ILE A 194 -8.00 2.94 -7.96
C ILE A 194 -7.80 4.38 -7.41
N TYR A 195 -7.09 5.20 -8.16
CA TYR A 195 -6.91 6.60 -7.79
C TYR A 195 -6.58 7.47 -9.01
N SER A 196 -6.68 8.78 -8.81
CA SER A 196 -6.26 9.75 -9.81
C SER A 196 -5.23 10.68 -9.19
N PHE A 197 -4.45 11.35 -10.03
CA PHE A 197 -3.37 12.20 -9.52
C PHE A 197 -2.94 13.13 -10.63
N THR A 198 -2.13 14.12 -10.27
CA THR A 198 -1.43 14.95 -11.23
C THR A 198 0.09 14.81 -11.01
N LEU A 199 0.85 15.28 -12.00
CA LEU A 199 2.30 15.26 -11.97
C LEU A 199 2.95 16.49 -11.28
N LYS A 200 2.14 17.31 -10.61
CA LYS A 200 2.63 18.47 -9.90
C LYS A 200 3.52 18.04 -8.74
N PRO A 201 4.79 18.47 -8.73
CA PRO A 201 5.66 18.11 -7.63
C PRO A 201 5.16 18.62 -6.26
N ARG A 202 5.20 17.72 -5.29
CA ARG A 202 4.77 17.98 -3.92
C ARG A 202 5.93 17.90 -2.94
N THR A 203 5.73 18.49 -1.76
CA THR A 203 6.60 18.24 -0.59
C THR A 203 5.75 17.62 0.50
N ILE A 204 6.38 17.06 1.52
CA ILE A 204 5.61 16.35 2.53
C ILE A 204 4.68 17.27 3.29
N GLU A 205 5.04 18.55 3.35
CA GLU A 205 4.22 19.58 3.99
C GLU A 205 2.81 19.65 3.43
N ASP A 206 2.67 19.40 2.13
CA ASP A 206 1.39 19.38 1.44
C ASP A 206 0.40 18.33 1.97
N PHE A 207 0.89 17.32 2.69
CA PHE A 207 0.05 16.22 3.16
C PHE A 207 -0.29 16.31 4.64
N GLU A 208 0.28 17.29 5.33
CA GLU A 208 0.08 17.37 6.78
C GLU A 208 -1.38 17.53 7.26
N SER A 209 -2.15 18.43 6.64
CA SER A 209 -3.53 18.64 7.05
CA SER A 209 -3.52 18.63 7.05
C SER A 209 -4.34 17.33 6.94
N MSE A 210 -4.13 16.59 5.86
CA MSE A 210 -4.79 15.30 5.67
C MSE A 210 -4.24 14.24 6.65
O MSE A 210 -4.98 13.40 7.18
CB MSE A 210 -4.64 14.84 4.22
CG MSE A 210 -5.80 13.97 3.74
SE MSE A 210 -7.55 14.76 4.14
CE MSE A 210 -7.52 15.85 2.58
N ASN A 211 -2.94 14.27 6.92
CA ASN A 211 -2.34 13.37 7.91
C ASN A 211 -3.07 13.47 9.27
N THR A 212 -3.34 14.69 9.70
CA THR A 212 -4.11 14.87 10.93
C THR A 212 -5.55 14.44 10.79
N TYR A 213 -6.23 14.93 9.75
CA TYR A 213 -7.67 14.72 9.58
C TYR A 213 -8.03 13.24 9.39
N LEU A 214 -7.20 12.52 8.62
CA LEU A 214 -7.45 11.08 8.38
C LEU A 214 -7.36 10.24 9.67
N GLN A 215 -6.65 10.75 10.70
CA GLN A 215 -6.54 10.07 12.03
C GLN A 215 -7.64 10.38 13.00
N THR A 216 -8.36 11.47 12.76
CA THR A 216 -9.33 11.97 13.72
C THR A 216 -10.77 11.94 13.20
N SER A 217 -10.97 12.15 11.91
CA SER A 217 -12.31 12.26 11.35
C SER A 217 -13.08 10.94 11.42
N PRO A 218 -14.30 10.95 12.00
CA PRO A 218 -15.16 9.76 11.89
C PRO A 218 -15.52 9.39 10.45
N SER A 219 -15.33 10.34 9.54
CA SER A 219 -15.56 10.12 8.09
C SER A 219 -14.43 9.37 7.39
N SER A 220 -13.28 9.25 8.07
CA SER A 220 -12.09 8.66 7.48
C SER A 220 -12.14 7.14 7.53
N VAL A 221 -11.85 6.44 6.43
CA VAL A 221 -11.81 4.99 6.47
C VAL A 221 -10.79 4.54 7.52
N PHE A 222 -9.74 5.35 7.75
CA PHE A 222 -8.64 4.95 8.60
C PHE A 222 -9.02 4.91 10.06
N THR A 223 -10.09 5.62 10.41
CA THR A 223 -10.60 5.54 11.81
C THR A 223 -11.72 4.46 11.94
N SER A 224 -12.31 4.10 10.79
CA SER A 224 -13.40 3.12 10.73
C SER A 224 -13.00 1.65 10.81
N LYS A 225 -11.92 1.32 10.10
CA LYS A 225 -11.40 -0.05 10.02
CA LYS A 225 -11.40 -0.05 10.04
C LYS A 225 -9.94 -0.07 10.45
N SER A 226 -9.55 -1.09 11.20
CA SER A 226 -8.15 -1.38 11.51
C SER A 226 -7.68 -2.40 10.47
N PHE A 227 -6.53 -2.16 9.85
CA PHE A 227 -6.05 -3.09 8.85
C PHE A 227 -4.52 -3.21 8.80
N CYS A 228 -4.10 -4.32 8.24
CA CYS A 228 -2.71 -4.45 7.80
CA CYS A 228 -2.70 -4.57 7.92
C CYS A 228 -2.64 -5.44 6.65
N SER A 229 -1.76 -5.11 5.69
CA SER A 229 -1.62 -5.83 4.42
C SER A 229 -0.15 -6.05 4.10
N LEU A 230 0.19 -7.21 3.54
CA LEU A 230 1.56 -7.46 3.12
C LEU A 230 1.52 -8.32 1.88
N GLN A 231 2.29 -7.95 0.85
CA GLN A 231 2.34 -8.77 -0.37
C GLN A 231 3.25 -9.96 -0.08
N THR A 232 2.95 -11.09 -0.71
CA THR A 232 3.80 -12.27 -0.64
C THR A 232 4.36 -12.50 -2.04
N PRO A 233 5.22 -13.54 -2.23
CA PRO A 233 5.73 -13.85 -3.54
C PRO A 233 4.66 -14.24 -4.55
N ASP A 234 3.45 -14.62 -4.08
CA ASP A 234 2.38 -14.96 -5.03
C ASP A 234 0.96 -14.51 -4.67
N GLY A 235 0.86 -13.53 -3.80
CA GLY A 235 -0.45 -13.11 -3.32
C GLY A 235 -0.34 -12.00 -2.31
N VAL A 236 -1.32 -11.93 -1.42
CA VAL A 236 -1.40 -10.88 -0.40
C VAL A 236 -2.19 -11.30 0.80
N HIS A 237 -1.61 -11.06 1.97
CA HIS A 237 -2.27 -11.23 3.25
C HIS A 237 -2.88 -9.88 3.67
N CYS A 238 -4.12 -9.88 4.12
CA CYS A 238 -4.73 -8.66 4.64
CA CYS A 238 -4.79 -8.67 4.61
C CYS A 238 -5.69 -9.02 5.79
N LEU A 239 -5.47 -8.38 6.94
CA LEU A 239 -6.35 -8.47 8.08
C LEU A 239 -7.10 -7.15 8.13
N VAL A 240 -8.41 -7.24 8.19
CA VAL A 240 -9.29 -6.11 8.44
C VAL A 240 -10.18 -6.45 9.61
N GLY A 241 -10.12 -5.62 10.65
CA GLY A 241 -10.86 -5.91 11.88
C GLY A 241 -10.43 -7.26 12.45
N PHE A 242 -11.38 -8.19 12.58
CA PHE A 242 -11.08 -9.57 12.99
C PHE A 242 -11.02 -10.55 11.83
N THR A 243 -11.06 -10.04 10.59
CA THR A 243 -11.15 -10.89 9.42
C THR A 243 -9.81 -10.99 8.70
N LEU A 244 -9.22 -12.18 8.72
CA LEU A 244 -7.95 -12.42 8.08
C LEU A 244 -8.20 -13.03 6.69
N THR A 245 -7.57 -12.44 5.68
CA THR A 245 -7.68 -12.91 4.32
C THR A 245 -6.27 -13.20 3.73
N HIS A 246 -6.26 -14.16 2.83
CA HIS A 246 -5.09 -14.46 2.03
C HIS A 246 -5.54 -14.73 0.61
N ARG A 247 -5.03 -13.90 -0.29
CA ARG A 247 -5.29 -14.04 -1.69
C ARG A 247 -4.09 -14.66 -2.39
N ARG A 248 -4.35 -15.65 -3.22
CA ARG A 248 -3.30 -16.15 -4.12
C ARG A 248 -3.66 -15.73 -5.53
N PHE A 249 -2.80 -14.91 -6.13
CA PHE A 249 -3.03 -14.40 -7.49
C PHE A 249 -2.96 -15.54 -8.54
N ASN A 250 -3.95 -15.57 -9.43
CA ASN A 250 -3.92 -16.45 -10.60
C ASN A 250 -3.59 -17.88 -10.17
N TYR A 251 -4.39 -18.37 -9.23
CA TYR A 251 -4.20 -19.70 -8.68
C TYR A 251 -4.57 -20.78 -9.73
N LYS A 252 -5.49 -20.45 -10.64
CA LYS A 252 -6.09 -21.36 -11.63
C LYS A 252 -6.96 -20.60 -12.59
N ASP A 253 -6.62 -20.66 -13.87
CA ASP A 253 -7.53 -20.17 -14.91
C ASP A 253 -8.02 -18.74 -14.73
N ASN A 254 -7.13 -17.75 -14.70
CA ASN A 254 -7.59 -16.33 -14.66
C ASN A 254 -8.46 -16.08 -13.41
N THR A 255 -8.16 -16.77 -12.32
CA THR A 255 -8.92 -16.60 -11.07
CA THR A 255 -8.93 -16.68 -11.07
C THR A 255 -8.01 -16.51 -9.88
N ASP A 256 -8.36 -15.60 -8.98
CA ASP A 256 -7.65 -15.45 -7.70
C ASP A 256 -8.40 -16.27 -6.68
N LEU A 257 -7.67 -16.89 -5.74
CA LEU A 257 -8.31 -17.52 -4.61
C LEU A 257 -8.18 -16.63 -3.38
N ILE A 258 -9.30 -16.43 -2.68
CA ILE A 258 -9.29 -15.65 -1.45
C ILE A 258 -9.82 -16.45 -0.27
N GLU A 259 -8.94 -16.72 0.69
CA GLU A 259 -9.30 -17.40 1.92
C GLU A 259 -9.70 -16.36 2.96
N PHE A 260 -10.76 -16.67 3.71
CA PHE A 260 -11.23 -15.81 4.79
C PHE A 260 -11.27 -16.63 6.10
N LYS A 261 -10.89 -15.99 7.18
CA LYS A 261 -11.06 -16.56 8.52
C LYS A 261 -11.37 -15.47 9.55
N THR A 262 -12.22 -15.80 10.51
CA THR A 262 -12.49 -14.90 11.61
C THR A 262 -11.55 -15.24 12.78
N LEU A 263 -10.84 -14.23 13.25
CA LEU A 263 -9.94 -14.41 14.35
C LEU A 263 -10.57 -13.97 15.67
N SER A 264 -10.21 -14.68 16.74
CA SER A 264 -10.54 -14.22 18.08
C SER A 264 -9.59 -13.11 18.42
N GLU A 265 -9.95 -12.31 19.42
CA GLU A 265 -9.03 -11.30 19.93
C GLU A 265 -7.70 -11.91 20.34
N GLU A 266 -7.77 -13.04 21.02
CA GLU A 266 -6.56 -13.73 21.48
C GLU A 266 -5.65 -14.20 20.34
N GLU A 267 -6.21 -14.52 19.16
CA GLU A 267 -5.43 -15.01 18.01
C GLU A 267 -4.72 -13.92 17.20
N ILE A 268 -5.20 -12.68 17.31
CA ILE A 268 -4.65 -11.56 16.50
C ILE A 268 -3.13 -11.33 16.75
N GLU A 269 -2.69 -11.36 18.00
CA GLU A 269 -1.28 -11.07 18.33
C GLU A 269 -0.30 -12.01 17.62
N LYS A 270 -0.61 -13.30 17.62
CA LYS A 270 0.21 -14.32 16.98
C LYS A 270 0.18 -14.19 15.47
N VAL A 271 -1.00 -13.87 14.91
CA VAL A 271 -1.09 -13.65 13.44
C VAL A 271 -0.25 -12.43 13.03
N LEU A 272 -0.33 -11.37 13.81
CA LEU A 272 0.39 -10.13 13.52
C LEU A 272 1.87 -10.42 13.44
N LYS A 273 2.40 -11.14 14.43
CA LYS A 273 3.81 -11.53 14.40
C LYS A 273 4.16 -12.49 13.30
N ASN A 274 3.46 -13.60 13.22
CA ASN A 274 3.82 -14.69 12.29
C ASN A 274 3.61 -14.40 10.82
N ILE A 275 2.55 -13.66 10.50
CA ILE A 275 2.21 -13.39 9.08
C ILE A 275 2.78 -12.04 8.63
N PHE A 276 2.71 -11.04 9.52
CA PHE A 276 3.08 -9.66 9.14
C PHE A 276 4.39 -9.13 9.73
N ASN A 277 4.98 -9.88 10.66
CA ASN A 277 6.09 -9.43 11.52
C ASN A 277 5.81 -8.09 12.20
N ILE A 278 4.58 -7.91 12.65
CA ILE A 278 4.15 -6.77 13.44
C ILE A 278 4.05 -7.16 14.91
N SER A 279 4.76 -6.37 15.71
CA SER A 279 4.71 -6.41 17.18
C SER A 279 4.29 -5.05 17.65
N LEU A 280 3.13 -4.97 18.30
CA LEU A 280 2.58 -3.68 18.67
C LEU A 280 3.13 -3.20 20.02
N GLN A 281 3.04 -1.90 20.27
CA GLN A 281 3.48 -1.29 21.53
C GLN A 281 2.44 -1.32 22.66
N ARG A 282 1.16 -1.54 22.28
CA ARG A 282 0.02 -1.46 23.15
C ARG A 282 -1.10 -2.30 22.56
N LYS A 283 -2.19 -2.40 23.30
CA LYS A 283 -3.23 -3.33 22.93
C LYS A 283 -4.00 -2.74 21.74
N LEU A 284 -4.10 -3.52 20.69
CA LEU A 284 -4.94 -3.19 19.53
C LEU A 284 -6.39 -3.35 19.91
N VAL A 285 -7.22 -2.39 19.52
CA VAL A 285 -8.66 -2.58 19.54
C VAL A 285 -9.14 -2.73 18.09
N PRO A 286 -9.33 -3.98 17.63
CA PRO A 286 -9.70 -4.21 16.22
C PRO A 286 -11.06 -3.61 15.94
N LYS A 287 -11.23 -3.09 14.74
CA LYS A 287 -12.44 -2.41 14.36
C LYS A 287 -12.77 -2.69 12.93
N HIS A 288 -14.05 -2.93 12.70
CA HIS A 288 -14.59 -3.16 11.37
C HIS A 288 -15.87 -2.34 11.18
N GLY A 289 -15.68 -1.03 11.14
CA GLY A 289 -16.74 -0.10 10.84
C GLY A 289 -17.19 -0.18 9.40
N ASP A 290 -18.14 0.70 9.06
CA ASP A 290 -18.92 0.63 7.82
C ASP A 290 -18.24 1.37 6.62
N ARG A 291 -17.15 2.14 6.81
CA ARG A 291 -16.61 2.96 5.72
C ARG A 291 -15.95 2.07 4.65
N PHE A 292 -16.03 2.52 3.40
CA PHE A 292 -15.61 1.70 2.23
C PHE A 292 -14.12 1.39 2.19
N PHE A 293 -13.80 0.08 2.19
CA PHE A 293 -12.43 -0.40 2.10
C PHE A 293 -12.51 -1.84 1.68
N THR A 294 -12.08 -2.10 0.46
CA THR A 294 -12.10 -3.46 -0.05
C THR A 294 -10.70 -4.02 -0.08
N ILE A 295 -10.61 -5.34 -0.21
CA ILE A 295 -9.35 -6.06 -0.25
C ILE A 295 -9.01 -6.47 -1.69
NA NA B . 13.73 13.99 -5.65
C1 ACM C . -3.08 6.69 2.70
O ACM C . -2.89 5.65 3.27
N ACM C . -3.59 7.76 3.31
C2 ACM C . -2.70 6.73 1.25
UNK UNX D . 10.55 -10.35 4.82
UNK UNX E . -14.47 1.49 -10.21
UNK UNX F . -10.03 15.51 -8.09
UNK UNX G . 4.38 -2.89 -15.32
UNK UNX H . 4.47 -8.33 -11.61
UNK UNX I . 13.81 -4.61 -16.24
UNK UNX J . 13.28 -6.88 -11.00
#